data_7XEQ
#
_entry.id   7XEQ
#
_cell.length_a   103.500
_cell.length_b   103.500
_cell.length_c   132.600
_cell.angle_alpha   90.000
_cell.angle_beta   90.000
_cell.angle_gamma   90.000
#
_symmetry.space_group_name_H-M   'P 41 21 2'
#
loop_
_entity.id
_entity.type
_entity.pdbx_description
1 polymer 'Cysteine desulfurase IscS'
2 non-polymer 'ISOPROPYL ALCOHOL'
3 non-polymer 'CHLORIDE ION'
4 non-polymer '(2~{S},4~{S})-2-[2-methyl-3-oxidanyl-5-(phosphonooxymethyl)pyridin-4-yl]-1,3-thiazolidine-4-carboxylic acid'
5 water water
#
_entity_poly.entity_id   1
_entity_poly.type   'polypeptide(L)'
_entity_poly.pdbx_seq_one_letter_code
;MVQRIYLDNNATTRIDPKVKEIMDPFLRDHYGNPSSLHQFGTETHPAIAEALDKLYKGINARDIDDVIITSCATESNNWV
LKGVYFDECLKKGKNHIVTTVAEHPAVRSTCNFLESLGVEVTYLPINEHGSITAEQVREAITEKTALVSVMWANNETGLI
FPIEEIGAICKEKGVLFHTDAVQAIGKIPVDVLKANADFLSFSAHKFHGPKGIGGLYIRSGVGLTPLFHGGEHMNGRRSG
TLNVPYIVGMGEAMKLAVEHLDYEKEVVGKLRDKLEEALLKIPDVMVVGDRIHRVPNTTLVSVRGIEGEAMLWDLNRSNI
AASTGSACASEDLEANPVMVAIGASKELAHTAIRLSLSRFNTEAEIDKTIEVFSQAAVRLRNISSSYVDLVPRGSHHHHH
H
;
_entity_poly.pdbx_strand_id   A
#
loop_
_chem_comp.id
_chem_comp.type
_chem_comp.name
_chem_comp.formula
9YX non-polymer '(2~{S},4~{S})-2-[2-methyl-3-oxidanyl-5-(phosphonooxymethyl)pyridin-4-yl]-1,3-thiazolidine-4-carboxylic acid' 'C11 H15 N2 O7 P S'
CL non-polymer 'CHLORIDE ION' 'Cl -1'
IPA non-polymer 'ISOPROPYL ALCOHOL' 'C3 H8 O'
#
# COMPACT_ATOMS: atom_id res chain seq x y z
N VAL A 2 27.80 2.24 -16.78
CA VAL A 2 26.98 3.26 -16.02
C VAL A 2 26.62 2.73 -14.61
N GLN A 3 26.30 3.65 -13.68
CA GLN A 3 25.87 3.29 -12.31
C GLN A 3 24.61 4.06 -11.83
N ARG A 4 23.40 3.46 -11.71
CA ARG A 4 22.20 4.27 -11.46
C ARG A 4 21.74 4.23 -10.01
N ILE A 5 20.96 5.22 -9.58
CA ILE A 5 20.34 5.21 -8.25
C ILE A 5 18.82 5.20 -8.37
N TYR A 6 18.18 4.16 -7.80
CA TYR A 6 16.72 4.09 -7.73
C TYR A 6 16.25 4.75 -6.43
N LEU A 7 15.47 5.84 -6.54
CA LEU A 7 14.87 6.41 -5.35
C LEU A 7 13.37 6.66 -5.58
N ASP A 8 12.70 5.68 -6.23
CA ASP A 8 11.32 5.85 -6.62
C ASP A 8 10.47 4.70 -6.06
N ASN A 9 10.74 4.34 -4.80
CA ASN A 9 10.35 3.04 -4.31
C ASN A 9 8.88 3.01 -4.02
N ASN A 10 8.28 4.18 -3.80
CA ASN A 10 6.84 4.28 -3.68
C ASN A 10 6.15 4.11 -5.04
N ALA A 11 6.89 3.85 -6.12
CA ALA A 11 6.18 3.77 -7.38
C ALA A 11 6.27 2.36 -7.94
N THR A 12 7.34 1.63 -7.51
CA THR A 12 7.52 0.19 -7.57
C THR A 12 8.86 -0.14 -6.95
N THR A 13 9.17 -1.41 -6.69
CA THR A 13 10.45 -1.71 -6.04
C THR A 13 11.10 -2.84 -6.82
N ARG A 14 12.39 -3.08 -6.56
CA ARG A 14 13.10 -4.16 -7.20
C ARG A 14 12.62 -5.41 -6.47
N ILE A 15 12.28 -6.45 -7.22
CA ILE A 15 12.02 -7.72 -6.58
C ILE A 15 13.28 -8.18 -5.85
N ASP A 16 13.19 -8.60 -4.59
CA ASP A 16 14.36 -9.09 -3.86
C ASP A 16 14.86 -10.37 -4.54
N PRO A 17 16.18 -10.60 -4.68
CA PRO A 17 16.66 -11.77 -5.40
C PRO A 17 16.18 -13.08 -4.80
N LYS A 18 15.89 -13.06 -3.50
CA LYS A 18 15.38 -14.24 -2.80
C LYS A 18 13.95 -14.47 -3.26
N VAL A 19 13.22 -13.39 -3.56
CA VAL A 19 11.87 -13.57 -4.06
C VAL A 19 11.91 -14.16 -5.47
N LYS A 20 12.83 -13.65 -6.30
CA LYS A 20 12.95 -14.18 -7.65
C LYS A 20 13.23 -15.68 -7.60
N GLU A 21 14.27 -15.99 -6.81
CA GLU A 21 14.75 -17.34 -6.60
C GLU A 21 13.58 -18.26 -6.22
N ILE A 22 12.74 -17.83 -5.26
CA ILE A 22 11.75 -18.74 -4.69
C ILE A 22 10.64 -19.08 -5.69
N MET A 23 10.33 -18.12 -6.59
CA MET A 23 9.30 -18.20 -7.60
C MET A 23 9.76 -19.07 -8.75
N ASP A 24 11.06 -19.06 -9.05
CA ASP A 24 11.59 -19.72 -10.24
C ASP A 24 10.97 -21.11 -10.51
N PRO A 25 10.97 -22.04 -9.54
CA PRO A 25 10.62 -23.41 -9.85
C PRO A 25 9.19 -23.48 -10.32
N PHE A 26 8.40 -22.47 -9.93
CA PHE A 26 7.04 -22.42 -10.43
C PHE A 26 6.90 -21.82 -11.81
N LEU A 27 7.97 -21.27 -12.41
CA LEU A 27 7.90 -20.84 -13.81
C LEU A 27 8.43 -21.92 -14.74
N ARG A 28 9.29 -22.81 -14.17
CA ARG A 28 9.86 -24.04 -14.72
C ARG A 28 8.92 -25.27 -14.58
N ASP A 29 8.99 -26.04 -13.48
CA ASP A 29 8.48 -27.40 -13.64
C ASP A 29 7.25 -27.66 -12.82
N HIS A 30 6.97 -26.77 -11.86
CA HIS A 30 5.86 -27.01 -10.97
C HIS A 30 4.78 -26.08 -11.45
N TYR A 31 4.26 -26.40 -12.63
CA TYR A 31 3.51 -25.47 -13.45
C TYR A 31 2.05 -25.88 -13.35
N GLY A 32 1.70 -26.65 -12.34
CA GLY A 32 0.35 -27.13 -12.41
C GLY A 32 -0.61 -26.23 -11.67
N ASN A 33 -1.87 -26.40 -12.05
CA ASN A 33 -2.99 -25.64 -11.54
C ASN A 33 -3.37 -26.20 -10.16
N PRO A 34 -3.15 -25.47 -9.05
CA PRO A 34 -3.45 -26.02 -7.73
C PRO A 34 -4.88 -26.53 -7.56
N SER A 35 -5.73 -26.42 -8.56
CA SER A 35 -7.10 -26.88 -8.39
C SER A 35 -7.22 -28.34 -8.82
N SER A 36 -6.31 -28.79 -9.72
CA SER A 36 -6.46 -30.13 -10.25
C SER A 36 -6.02 -31.07 -9.13
N LEU A 37 -6.59 -32.29 -9.06
CA LEU A 37 -6.42 -33.13 -7.87
C LEU A 37 -5.20 -34.06 -8.02
N HIS A 38 -4.79 -34.24 -9.27
CA HIS A 38 -3.61 -35.02 -9.57
C HIS A 38 -2.33 -34.33 -9.11
N GLN A 39 -1.20 -34.99 -9.41
CA GLN A 39 0.17 -34.86 -8.87
C GLN A 39 0.65 -33.43 -9.12
N PHE A 40 0.33 -32.85 -10.32
CA PHE A 40 0.75 -31.47 -10.55
C PHE A 40 0.13 -30.35 -9.63
N GLY A 41 -1.22 -30.34 -9.40
CA GLY A 41 -1.90 -29.37 -8.50
C GLY A 41 -1.50 -29.60 -7.05
N THR A 42 -1.52 -30.88 -6.66
CA THR A 42 -1.19 -31.22 -5.26
C THR A 42 0.24 -30.81 -4.95
N GLU A 43 1.16 -30.95 -5.94
CA GLU A 43 2.56 -30.63 -5.72
C GLU A 43 2.69 -29.18 -5.30
N THR A 44 1.81 -28.28 -5.80
CA THR A 44 1.95 -26.86 -5.48
C THR A 44 1.46 -26.55 -4.06
N HIS A 45 0.66 -27.44 -3.45
CA HIS A 45 -0.04 -27.08 -2.23
C HIS A 45 0.91 -26.66 -1.12
N PRO A 46 1.95 -27.46 -0.77
CA PRO A 46 2.81 -27.08 0.34
C PRO A 46 3.35 -25.66 0.23
N ALA A 47 3.84 -25.29 -0.97
CA ALA A 47 4.50 -24.00 -1.21
C ALA A 47 3.48 -22.86 -1.13
N ILE A 48 2.26 -23.10 -1.62
CA ILE A 48 1.18 -22.14 -1.57
C ILE A 48 0.75 -21.87 -0.13
N ALA A 49 0.64 -22.94 0.65
CA ALA A 49 0.20 -22.79 2.01
C ALA A 49 1.28 -22.09 2.85
N GLU A 50 2.56 -22.32 2.56
CA GLU A 50 3.55 -21.63 3.34
C GLU A 50 3.58 -20.17 2.95
N ALA A 51 3.33 -19.93 1.66
CA ALA A 51 3.25 -18.56 1.16
C ALA A 51 2.13 -17.81 1.87
N LEU A 52 1.00 -18.49 1.96
CA LEU A 52 -0.15 -17.92 2.65
C LEU A 52 0.15 -17.70 4.12
N ASP A 53 0.84 -18.67 4.74
CA ASP A 53 1.21 -18.56 6.13
C ASP A 53 1.99 -17.26 6.32
N LYS A 54 3.01 -17.04 5.49
CA LYS A 54 3.81 -15.84 5.61
C LYS A 54 2.91 -14.61 5.53
N LEU A 55 1.81 -14.68 4.75
CA LEU A 55 0.98 -13.52 4.50
C LEU A 55 0.21 -13.14 5.75
N TYR A 56 -0.54 -14.10 6.32
CA TYR A 56 -1.23 -13.95 7.61
C TYR A 56 -0.29 -13.48 8.71
N LYS A 57 0.86 -14.12 8.84
CA LYS A 57 1.80 -13.75 9.88
C LYS A 57 2.17 -12.29 9.70
N GLY A 58 2.26 -11.85 8.45
CA GLY A 58 2.78 -10.53 8.17
C GLY A 58 1.89 -9.45 8.77
N ILE A 59 0.58 -9.63 8.63
CA ILE A 59 -0.33 -8.57 8.96
C ILE A 59 -1.07 -8.93 10.26
N ASN A 60 -0.63 -10.04 10.88
CA ASN A 60 -1.22 -10.59 12.09
C ASN A 60 -2.72 -10.86 11.87
N ALA A 61 -3.09 -11.37 10.68
CA ALA A 61 -4.40 -11.96 10.49
C ALA A 61 -4.42 -13.25 11.31
N ARG A 62 -5.63 -13.66 11.72
CA ARG A 62 -5.89 -14.85 12.53
C ARG A 62 -6.41 -15.94 11.61
N ASP A 63 -6.16 -17.22 11.99
CA ASP A 63 -6.68 -18.36 11.24
C ASP A 63 -8.11 -18.17 10.77
N ILE A 64 -8.96 -17.46 11.53
CA ILE A 64 -10.38 -17.50 11.17
C ILE A 64 -10.74 -16.39 10.19
N ASP A 65 -9.78 -15.49 9.94
CA ASP A 65 -9.83 -14.51 8.87
C ASP A 65 -9.33 -15.12 7.57
N ASP A 66 -9.66 -14.41 6.47
CA ASP A 66 -9.13 -14.70 5.14
C ASP A 66 -8.08 -13.67 4.77
N VAL A 67 -7.08 -14.13 4.00
CA VAL A 67 -6.28 -13.22 3.21
C VAL A 67 -6.39 -13.71 1.77
N ILE A 68 -7.12 -12.92 0.98
CA ILE A 68 -7.39 -13.33 -0.36
C ILE A 68 -6.38 -12.70 -1.31
N ILE A 69 -5.85 -13.58 -2.18
CA ILE A 69 -4.93 -13.20 -3.23
C ILE A 69 -5.77 -12.56 -4.32
N THR A 70 -5.48 -11.29 -4.61
CA THR A 70 -6.00 -10.58 -5.77
C THR A 70 -4.82 -10.29 -6.72
N SER A 71 -5.08 -9.49 -7.76
CA SER A 71 -4.07 -9.25 -8.78
C SER A 71 -3.39 -7.91 -8.51
N CYS A 72 -3.86 -7.16 -7.51
CA CYS A 72 -3.14 -5.97 -7.07
C CYS A 72 -3.95 -5.25 -6.02
N ALA A 73 -3.39 -4.19 -5.46
CA ALA A 73 -4.20 -3.44 -4.51
C ALA A 73 -5.37 -2.78 -5.25
N THR A 74 -5.17 -2.46 -6.53
CA THR A 74 -6.26 -1.78 -7.20
C THR A 74 -7.50 -2.68 -7.17
N GLU A 75 -7.31 -3.99 -7.47
CA GLU A 75 -8.32 -5.04 -7.41
C GLU A 75 -8.95 -5.04 -6.02
N SER A 76 -8.09 -5.17 -5.01
CA SER A 76 -8.48 -5.16 -3.59
C SER A 76 -9.37 -3.95 -3.31
N ASN A 77 -8.91 -2.76 -3.72
CA ASN A 77 -9.70 -1.58 -3.45
C ASN A 77 -11.07 -1.55 -4.14
N ASN A 78 -11.16 -1.72 -5.47
CA ASN A 78 -12.43 -1.82 -6.13
C ASN A 78 -13.32 -2.89 -5.47
N TRP A 79 -12.79 -4.04 -5.04
CA TRP A 79 -13.56 -5.07 -4.36
C TRP A 79 -14.20 -4.54 -3.07
N VAL A 80 -13.42 -3.97 -2.15
CA VAL A 80 -14.05 -3.54 -0.92
C VAL A 80 -15.19 -2.56 -1.26
N LEU A 81 -14.90 -1.53 -2.05
CA LEU A 81 -15.93 -0.54 -2.32
C LEU A 81 -17.14 -1.10 -3.08
N LYS A 82 -16.98 -1.68 -4.28
CA LYS A 82 -18.09 -2.27 -5.03
C LYS A 82 -18.75 -3.39 -4.20
N GLY A 83 -17.97 -4.09 -3.38
CA GLY A 83 -18.64 -5.12 -2.60
C GLY A 83 -19.56 -4.58 -1.51
N VAL A 84 -19.07 -3.64 -0.69
CA VAL A 84 -19.94 -3.08 0.33
C VAL A 84 -21.08 -2.31 -0.36
N TYR A 85 -20.86 -1.93 -1.64
CA TYR A 85 -21.96 -1.29 -2.35
C TYR A 85 -23.20 -2.19 -2.42
N PHE A 86 -23.05 -3.45 -2.77
CA PHE A 86 -24.27 -4.22 -2.91
C PHE A 86 -24.69 -4.84 -1.58
N ASP A 87 -23.73 -4.93 -0.65
CA ASP A 87 -24.02 -5.54 0.64
C ASP A 87 -24.67 -4.50 1.53
N GLU A 88 -24.09 -3.30 1.58
CA GLU A 88 -24.55 -2.37 2.58
C GLU A 88 -25.31 -1.22 1.92
N CYS A 89 -24.99 -0.90 0.67
CA CYS A 89 -25.54 0.35 0.15
C CYS A 89 -26.94 0.11 -0.40
N LEU A 90 -27.04 -0.83 -1.34
CA LEU A 90 -28.31 -1.16 -1.93
C LEU A 90 -29.15 -1.97 -0.95
N LYS A 91 -28.54 -2.93 -0.24
CA LYS A 91 -29.37 -3.99 0.33
C LYS A 91 -29.47 -3.85 1.84
N LYS A 92 -28.96 -2.77 2.40
CA LYS A 92 -29.23 -2.46 3.79
C LYS A 92 -29.53 -0.96 3.89
N GLY A 93 -29.71 -0.31 2.73
CA GLY A 93 -30.01 1.11 2.68
C GLY A 93 -28.85 2.05 3.03
N LYS A 94 -27.81 1.56 3.75
CA LYS A 94 -26.73 2.42 4.27
C LYS A 94 -25.91 3.02 3.13
N ASN A 95 -26.27 4.26 2.77
CA ASN A 95 -25.93 4.88 1.50
C ASN A 95 -24.81 5.90 1.68
N HIS A 96 -23.98 5.66 2.68
CA HIS A 96 -22.93 6.64 2.92
C HIS A 96 -21.61 5.94 3.15
N ILE A 97 -20.53 6.52 2.58
CA ILE A 97 -19.16 6.11 2.77
C ILE A 97 -18.33 7.30 3.22
N VAL A 98 -17.53 7.09 4.26
CA VAL A 98 -16.52 8.09 4.51
C VAL A 98 -15.15 7.59 4.05
N THR A 99 -14.49 8.43 3.24
CA THR A 99 -13.10 8.23 2.87
C THR A 99 -12.32 9.53 3.07
N THR A 100 -11.09 9.57 2.54
CA THR A 100 -10.27 10.78 2.59
C THR A 100 -9.97 11.26 1.16
N VAL A 101 -9.32 12.43 1.05
CA VAL A 101 -9.04 13.04 -0.23
C VAL A 101 -7.64 12.62 -0.58
N ALA A 102 -6.96 12.02 0.40
CA ALA A 102 -5.53 11.71 0.28
C ALA A 102 -5.36 10.39 -0.49
N GLU A 103 -6.42 9.56 -0.42
CA GLU A 103 -6.51 8.20 -0.91
C GLU A 103 -6.04 8.17 -2.35
N HIS A 104 -5.41 7.05 -2.67
CA HIS A 104 -5.10 6.59 -4.01
C HIS A 104 -6.34 6.56 -4.89
N PRO A 105 -6.20 6.99 -6.16
CA PRO A 105 -7.29 6.95 -7.13
C PRO A 105 -8.03 5.61 -7.25
N ALA A 106 -7.39 4.50 -6.89
CA ALA A 106 -8.10 3.23 -6.91
C ALA A 106 -9.28 3.34 -5.90
N VAL A 107 -9.11 4.13 -4.83
CA VAL A 107 -10.20 4.33 -3.89
C VAL A 107 -11.11 5.43 -4.41
N ARG A 108 -10.53 6.63 -4.62
CA ARG A 108 -11.28 7.80 -5.01
C ARG A 108 -12.10 7.54 -6.27
N SER A 109 -11.45 7.07 -7.33
CA SER A 109 -12.12 6.98 -8.61
C SER A 109 -13.33 6.07 -8.56
N THR A 110 -13.20 4.99 -7.77
CA THR A 110 -14.28 4.02 -7.58
C THR A 110 -15.45 4.66 -6.85
N CYS A 111 -15.12 5.33 -5.71
CA CYS A 111 -16.06 6.17 -4.98
C CYS A 111 -16.76 7.13 -5.96
N ASN A 112 -15.96 7.76 -6.82
CA ASN A 112 -16.50 8.70 -7.76
C ASN A 112 -17.68 8.07 -8.48
N PHE A 113 -17.43 6.90 -9.06
CA PHE A 113 -18.45 6.18 -9.79
C PHE A 113 -19.59 5.72 -8.88
N LEU A 114 -19.30 5.34 -7.64
CA LEU A 114 -20.35 4.97 -6.68
C LEU A 114 -21.34 6.11 -6.43
N GLU A 115 -20.81 7.33 -6.32
CA GLU A 115 -21.58 8.56 -6.25
C GLU A 115 -22.47 8.69 -7.48
N SER A 116 -21.91 8.41 -8.66
CA SER A 116 -22.70 8.46 -9.87
C SER A 116 -23.84 7.42 -9.85
N LEU A 117 -23.82 6.45 -8.93
CA LEU A 117 -24.90 5.48 -8.84
C LEU A 117 -25.95 5.99 -7.84
N GLY A 118 -25.53 7.03 -7.12
CA GLY A 118 -26.31 7.76 -6.15
C GLY A 118 -25.81 7.51 -4.73
N VAL A 119 -24.57 7.08 -4.53
CA VAL A 119 -24.10 6.96 -3.15
C VAL A 119 -23.65 8.34 -2.68
N GLU A 120 -23.65 8.56 -1.36
CA GLU A 120 -23.04 9.77 -0.82
C GLU A 120 -21.67 9.40 -0.26
N VAL A 121 -20.65 10.16 -0.64
CA VAL A 121 -19.30 9.92 -0.15
C VAL A 121 -18.73 11.19 0.45
N THR A 122 -18.26 11.12 1.69
CA THR A 122 -17.57 12.23 2.32
C THR A 122 -16.08 12.04 2.11
N TYR A 123 -15.46 12.95 1.36
CA TYR A 123 -14.03 12.86 1.21
C TYR A 123 -13.44 13.77 2.29
N LEU A 124 -13.05 13.20 3.44
CA LEU A 124 -12.51 13.97 4.56
C LEU A 124 -11.38 14.89 4.10
N PRO A 125 -11.40 16.18 4.48
CA PRO A 125 -10.43 17.15 3.95
C PRO A 125 -9.16 17.14 4.79
N ILE A 126 -8.03 17.36 4.12
CA ILE A 126 -6.74 17.20 4.76
C ILE A 126 -6.43 18.51 5.49
N ASN A 127 -5.80 18.45 6.69
CA ASN A 127 -5.50 19.62 7.51
C ASN A 127 -4.05 20.07 7.28
N GLU A 128 -3.55 21.03 8.09
CA GLU A 128 -2.22 21.61 7.93
C GLU A 128 -1.12 20.58 8.21
N HIS A 129 -1.37 19.68 9.17
CA HIS A 129 -0.43 18.66 9.62
C HIS A 129 -0.15 17.67 8.48
N GLY A 130 -0.94 17.71 7.41
CA GLY A 130 -0.87 16.73 6.35
C GLY A 130 -1.62 15.45 6.72
N SER A 131 -2.50 15.55 7.74
CA SER A 131 -3.12 14.36 8.33
C SER A 131 -4.64 14.50 8.39
N ILE A 132 -5.23 13.44 8.94
CA ILE A 132 -6.62 13.31 9.29
C ILE A 132 -6.62 12.83 10.74
N THR A 133 -7.48 13.45 11.57
CA THR A 133 -7.73 13.08 12.95
C THR A 133 -8.91 12.10 13.01
N ALA A 134 -8.91 11.18 13.97
CA ALA A 134 -10.03 10.25 14.15
C ALA A 134 -11.38 10.97 14.30
N GLU A 135 -11.35 12.20 14.84
CA GLU A 135 -12.52 12.99 15.16
C GLU A 135 -13.34 13.27 13.90
N GLN A 136 -12.65 13.47 12.77
CA GLN A 136 -13.39 13.87 11.60
C GLN A 136 -14.25 12.70 11.14
N VAL A 137 -13.68 11.50 11.24
CA VAL A 137 -14.43 10.32 10.86
C VAL A 137 -15.57 10.09 11.84
N ARG A 138 -15.35 10.37 13.15
CA ARG A 138 -16.40 10.29 14.15
C ARG A 138 -17.57 11.15 13.67
N GLU A 139 -17.25 12.36 13.22
CA GLU A 139 -18.21 13.36 12.81
C GLU A 139 -19.00 12.97 11.57
N ALA A 140 -18.33 12.63 10.46
CA ALA A 140 -19.04 12.42 9.21
C ALA A 140 -19.79 11.08 9.16
N ILE A 141 -19.69 10.31 10.25
CA ILE A 141 -19.98 8.89 10.31
C ILE A 141 -21.50 8.59 10.23
N THR A 142 -22.33 9.60 9.91
CA THR A 142 -23.80 9.52 9.79
C THR A 142 -24.34 8.21 10.36
N GLU A 143 -25.14 7.46 9.59
CA GLU A 143 -25.96 6.41 10.17
C GLU A 143 -26.32 5.50 9.02
N LYS A 144 -26.43 6.17 7.87
CA LYS A 144 -26.42 5.64 6.53
C LYS A 144 -25.00 5.15 6.19
N THR A 145 -24.07 5.21 7.16
CA THR A 145 -22.66 4.88 6.89
C THR A 145 -22.42 3.39 6.74
N ALA A 146 -22.20 2.98 5.49
CA ALA A 146 -21.88 1.59 5.17
C ALA A 146 -20.43 1.28 5.54
N LEU A 147 -19.50 2.23 5.31
CA LEU A 147 -18.06 1.94 5.33
C LEU A 147 -17.19 3.18 5.54
N VAL A 148 -16.15 3.00 6.36
CA VAL A 148 -15.03 3.90 6.42
C VAL A 148 -13.83 3.24 5.73
N SER A 149 -13.19 4.04 4.86
CA SER A 149 -11.93 3.73 4.21
C SER A 149 -10.86 4.80 4.51
N VAL A 150 -9.79 4.39 5.21
CA VAL A 150 -8.61 5.24 5.33
C VAL A 150 -7.35 4.43 4.97
N MET A 151 -6.52 5.05 4.11
CA MET A 151 -5.16 4.57 3.87
C MET A 151 -4.38 4.60 5.17
N TRP A 152 -3.49 3.63 5.30
CA TRP A 152 -2.69 3.53 6.49
C TRP A 152 -1.54 4.55 6.41
N ALA A 153 -1.04 4.76 5.20
CA ALA A 153 0.09 5.63 4.94
C ALA A 153 -0.08 6.26 3.54
N ASN A 154 0.08 7.60 3.44
CA ASN A 154 0.05 8.33 2.17
C ASN A 154 1.21 7.93 1.26
N ASN A 155 0.86 7.66 0.00
CA ASN A 155 1.82 7.20 -1.00
C ASN A 155 2.66 8.36 -1.53
N GLU A 156 2.15 9.61 -1.41
CA GLU A 156 2.90 10.79 -1.83
C GLU A 156 3.78 11.33 -0.70
N THR A 157 3.22 11.51 0.51
CA THR A 157 3.90 12.24 1.58
C THR A 157 4.62 11.30 2.55
N GLY A 158 4.09 10.08 2.66
CA GLY A 158 4.68 9.05 3.52
C GLY A 158 4.04 9.10 4.89
N LEU A 159 3.07 10.00 5.02
CA LEU A 159 2.43 10.30 6.28
C LEU A 159 1.62 9.12 6.76
N ILE A 160 1.80 8.71 8.01
CA ILE A 160 0.95 7.69 8.61
C ILE A 160 -0.34 8.29 9.18
N PHE A 161 -1.47 7.57 9.10
CA PHE A 161 -2.70 8.05 9.72
C PHE A 161 -3.00 7.28 11.02
N PRO A 162 -3.99 7.70 11.84
CA PRO A 162 -4.17 7.15 13.18
C PRO A 162 -5.09 5.97 13.06
N ILE A 163 -4.55 4.83 12.65
CA ILE A 163 -5.51 3.86 12.13
C ILE A 163 -6.26 3.27 13.33
N GLU A 164 -5.47 2.99 14.37
CA GLU A 164 -5.93 2.25 15.54
C GLU A 164 -7.17 2.93 16.15
N GLU A 165 -7.12 4.25 16.25
CA GLU A 165 -8.20 5.12 16.69
C GLU A 165 -9.39 4.97 15.77
N ILE A 166 -9.20 5.25 14.46
CA ILE A 166 -10.33 5.11 13.56
C ILE A 166 -10.97 3.72 13.71
N GLY A 167 -10.15 2.74 14.06
CA GLY A 167 -10.53 1.33 14.19
C GLY A 167 -11.56 1.20 15.29
N ALA A 168 -11.25 1.91 16.39
CA ALA A 168 -12.05 1.99 17.62
C ALA A 168 -13.37 2.73 17.40
N ILE A 169 -13.26 3.98 16.88
CA ILE A 169 -14.43 4.74 16.44
C ILE A 169 -15.34 3.86 15.58
N CYS A 170 -14.74 3.04 14.74
CA CYS A 170 -15.51 2.21 13.84
C CYS A 170 -16.25 1.13 14.59
N LYS A 171 -15.62 0.63 15.68
CA LYS A 171 -16.12 -0.53 16.44
C LYS A 171 -17.34 -0.08 17.25
N GLU A 172 -17.12 1.08 17.91
CA GLU A 172 -18.13 1.72 18.74
C GLU A 172 -19.34 2.09 17.91
N LYS A 173 -19.10 2.69 16.73
CA LYS A 173 -20.17 3.16 15.86
C LYS A 173 -20.82 2.07 14.98
N GLY A 174 -20.45 0.77 15.17
CA GLY A 174 -20.87 -0.37 14.36
C GLY A 174 -20.78 -0.19 12.84
N VAL A 175 -19.75 0.49 12.34
CA VAL A 175 -19.57 0.69 10.91
C VAL A 175 -18.36 -0.09 10.37
N LEU A 176 -18.38 -0.38 9.06
CA LEU A 176 -17.33 -1.16 8.41
C LEU A 176 -16.05 -0.34 8.15
N PHE A 177 -14.90 -0.93 8.52
CA PHE A 177 -13.63 -0.21 8.38
C PHE A 177 -12.67 -0.88 7.40
N HIS A 178 -12.27 -0.12 6.39
CA HIS A 178 -11.27 -0.61 5.45
C HIS A 178 -10.04 0.30 5.43
N THR A 179 -8.86 -0.32 5.53
CA THR A 179 -7.59 0.39 5.33
C THR A 179 -6.83 -0.13 4.11
N ASP A 180 -6.55 0.79 3.18
CA ASP A 180 -5.58 0.56 2.09
C ASP A 180 -4.18 0.71 2.70
N ALA A 181 -3.48 -0.41 2.81
CA ALA A 181 -2.28 -0.43 3.62
C ALA A 181 -1.01 -0.53 2.74
N VAL A 182 -1.20 -0.29 1.43
CA VAL A 182 -0.22 -0.59 0.40
C VAL A 182 1.13 0.00 0.76
N GLN A 183 1.18 1.16 1.41
CA GLN A 183 2.42 1.87 1.69
C GLN A 183 2.97 1.58 3.10
N ALA A 184 2.21 0.84 3.93
CA ALA A 184 2.63 0.42 5.26
C ALA A 184 3.42 -0.89 5.20
N ILE A 185 3.00 -1.88 4.39
CA ILE A 185 3.64 -3.17 4.50
C ILE A 185 5.14 -2.99 4.28
N GLY A 186 5.91 -3.24 5.34
CA GLY A 186 7.35 -3.37 5.14
C GLY A 186 8.03 -2.06 5.47
N LYS A 187 7.20 -1.05 5.68
CA LYS A 187 7.58 0.30 6.06
C LYS A 187 7.46 0.42 7.57
N ILE A 188 6.32 0.01 8.12
CA ILE A 188 6.03 0.11 9.54
C ILE A 188 5.19 -1.11 9.89
N PRO A 189 5.20 -1.62 11.16
CA PRO A 189 4.46 -2.83 11.54
C PRO A 189 2.97 -2.74 11.17
N VAL A 190 2.41 -3.81 10.61
CA VAL A 190 0.99 -3.81 10.32
C VAL A 190 0.27 -4.80 11.24
N ASP A 191 -0.73 -4.32 11.99
CA ASP A 191 -1.49 -5.22 12.85
C ASP A 191 -2.99 -5.02 12.61
N VAL A 192 -3.68 -6.02 12.03
CA VAL A 192 -5.05 -5.77 11.59
C VAL A 192 -5.96 -5.80 12.80
N LEU A 193 -5.49 -6.55 13.81
CA LEU A 193 -6.25 -6.84 15.01
C LEU A 193 -6.28 -5.56 15.83
N LYS A 194 -5.07 -5.04 16.07
CA LYS A 194 -4.84 -3.71 16.60
C LYS A 194 -5.57 -2.63 15.79
N ALA A 195 -5.83 -2.84 14.50
CA ALA A 195 -6.41 -1.76 13.69
C ALA A 195 -7.94 -1.83 13.63
N ASN A 196 -8.49 -2.92 14.21
CA ASN A 196 -9.87 -3.39 14.04
C ASN A 196 -10.35 -3.05 12.65
N ALA A 197 -9.56 -3.49 11.69
CA ALA A 197 -9.98 -3.30 10.33
C ALA A 197 -10.76 -4.56 9.97
N ASP A 198 -11.80 -4.32 9.18
CA ASP A 198 -12.62 -5.38 8.65
C ASP A 198 -11.93 -5.89 7.38
N PHE A 199 -11.27 -4.94 6.72
CA PHE A 199 -10.64 -5.08 5.42
C PHE A 199 -9.33 -4.31 5.32
N LEU A 200 -8.27 -4.96 4.76
CA LEU A 200 -6.94 -4.38 4.52
C LEU A 200 -6.39 -4.82 3.17
N SER A 201 -5.98 -3.84 2.34
CA SER A 201 -5.44 -4.01 0.99
C SER A 201 -3.92 -3.89 1.00
N PHE A 202 -3.23 -4.59 0.07
CA PHE A 202 -1.79 -4.44 -0.20
C PHE A 202 -1.42 -4.94 -1.59
N SER A 203 -0.27 -4.47 -2.11
CA SER A 203 0.19 -4.80 -3.45
C SER A 203 1.62 -5.29 -3.27
N ALA A 204 2.01 -6.39 -3.88
CA ALA A 204 3.32 -6.98 -3.58
C ALA A 204 4.48 -6.06 -3.97
N HIS A 205 4.32 -5.36 -5.10
CA HIS A 205 5.49 -4.74 -5.72
C HIS A 205 5.97 -3.53 -4.91
N LYS A 206 5.34 -3.23 -3.78
CA LYS A 206 5.79 -2.08 -3.05
C LYS A 206 6.66 -2.52 -1.88
N PHE A 207 6.89 -3.85 -1.80
CA PHE A 207 7.76 -4.47 -0.81
C PHE A 207 8.48 -5.66 -1.44
N HIS A 208 8.98 -5.44 -2.66
CA HIS A 208 10.03 -6.30 -3.21
C HIS A 208 9.43 -7.62 -3.69
N GLY A 209 8.11 -7.58 -3.91
CA GLY A 209 7.44 -8.69 -4.61
C GLY A 209 7.10 -8.31 -6.04
N PRO A 210 6.72 -9.23 -6.92
CA PRO A 210 6.44 -8.87 -8.32
C PRO A 210 5.24 -7.93 -8.42
N LYS A 211 5.14 -7.15 -9.49
CA LYS A 211 3.95 -6.37 -9.78
C LYS A 211 2.81 -7.28 -10.26
N GLY A 212 1.54 -6.95 -9.93
CA GLY A 212 0.46 -7.77 -10.46
C GLY A 212 0.03 -8.87 -9.48
N ILE A 213 0.30 -8.67 -8.18
CA ILE A 213 -0.40 -9.51 -7.22
C ILE A 213 -0.72 -8.68 -6.00
N GLY A 214 -1.73 -9.06 -5.26
CA GLY A 214 -1.97 -8.32 -4.06
C GLY A 214 -2.84 -9.12 -3.13
N GLY A 215 -3.15 -8.49 -2.00
CA GLY A 215 -4.04 -9.19 -1.10
C GLY A 215 -5.19 -8.30 -0.61
N LEU A 216 -6.25 -8.97 -0.20
CA LEU A 216 -7.23 -8.29 0.66
C LEU A 216 -7.48 -9.16 1.88
N TYR A 217 -7.27 -8.54 3.06
CA TYR A 217 -7.58 -9.15 4.36
C TYR A 217 -9.05 -8.94 4.65
N ILE A 218 -9.79 -10.03 4.84
CA ILE A 218 -11.16 -9.94 5.29
C ILE A 218 -11.32 -10.67 6.63
N ARG A 219 -11.97 -10.01 7.61
CA ARG A 219 -12.26 -10.49 8.97
C ARG A 219 -13.24 -11.67 9.09
N SER A 220 -12.97 -12.51 10.12
CA SER A 220 -13.75 -13.52 10.83
C SER A 220 -15.07 -13.97 10.22
N GLY A 221 -15.95 -13.00 9.95
CA GLY A 221 -17.30 -13.32 9.56
C GLY A 221 -17.88 -12.17 8.75
N VAL A 222 -17.05 -11.15 8.48
CA VAL A 222 -17.42 -10.17 7.48
C VAL A 222 -17.62 -10.85 6.13
N GLY A 223 -18.60 -10.34 5.40
CA GLY A 223 -19.03 -10.84 4.10
C GLY A 223 -18.64 -9.76 3.10
N LEU A 224 -18.61 -10.14 1.80
CA LEU A 224 -18.22 -9.19 0.76
C LEU A 224 -18.45 -9.79 -0.62
N THR A 225 -19.43 -9.26 -1.37
CA THR A 225 -19.79 -9.95 -2.60
C THR A 225 -18.53 -10.03 -3.47
N PRO A 226 -18.24 -11.21 -4.07
CA PRO A 226 -17.17 -11.32 -5.07
C PRO A 226 -17.06 -10.16 -6.06
N LEU A 227 -15.82 -9.74 -6.31
CA LEU A 227 -15.68 -8.84 -7.44
C LEU A 227 -15.40 -9.67 -8.68
N PHE A 228 -14.73 -10.81 -8.46
CA PHE A 228 -14.54 -11.79 -9.51
C PHE A 228 -15.45 -12.97 -9.18
N HIS A 229 -16.56 -13.11 -9.90
CA HIS A 229 -17.45 -14.23 -9.64
C HIS A 229 -16.97 -15.42 -10.45
N GLY A 230 -17.41 -16.62 -10.03
CA GLY A 230 -17.14 -17.85 -10.77
C GLY A 230 -16.90 -18.97 -9.74
N GLY A 231 -16.94 -18.46 -8.49
CA GLY A 231 -16.58 -19.03 -7.21
C GLY A 231 -15.78 -20.33 -7.27
N GLU A 232 -14.66 -20.33 -7.94
CA GLU A 232 -13.88 -21.56 -7.90
C GLU A 232 -12.89 -21.45 -6.74
N HIS A 233 -12.20 -20.32 -6.68
CA HIS A 233 -10.96 -20.24 -5.94
C HIS A 233 -11.16 -19.34 -4.73
N MET A 234 -10.19 -19.42 -3.84
CA MET A 234 -10.09 -18.56 -2.68
C MET A 234 -11.37 -18.59 -1.86
N ASN A 235 -11.82 -19.82 -1.51
CA ASN A 235 -13.08 -20.16 -0.83
C ASN A 235 -14.21 -19.32 -1.39
N GLY A 236 -14.45 -19.47 -2.70
CA GLY A 236 -15.55 -18.80 -3.39
C GLY A 236 -15.35 -17.29 -3.64
N ARG A 237 -14.60 -16.56 -2.79
CA ARG A 237 -14.59 -15.09 -2.79
C ARG A 237 -13.93 -14.39 -4.01
N ARG A 238 -13.03 -15.11 -4.70
CA ARG A 238 -12.29 -14.46 -5.76
C ARG A 238 -11.80 -15.49 -6.75
N SER A 239 -12.54 -15.62 -7.84
CA SER A 239 -12.37 -16.73 -8.76
C SER A 239 -11.25 -16.41 -9.75
N GLY A 240 -10.67 -17.42 -10.38
CA GLY A 240 -9.61 -17.23 -11.36
C GLY A 240 -8.41 -18.11 -11.02
N THR A 241 -7.83 -18.81 -12.02
CA THR A 241 -6.79 -19.76 -11.73
C THR A 241 -5.70 -19.09 -10.94
N LEU A 242 -5.08 -19.81 -10.01
CA LEU A 242 -4.18 -19.15 -9.07
C LEU A 242 -2.84 -18.66 -9.66
N ASN A 243 -2.41 -17.43 -9.32
CA ASN A 243 -1.08 -17.04 -9.79
C ASN A 243 0.02 -17.65 -8.93
N VAL A 244 0.41 -18.91 -9.18
CA VAL A 244 1.20 -19.62 -8.21
C VAL A 244 2.51 -18.89 -7.96
N PRO A 245 3.36 -18.68 -9.02
CA PRO A 245 4.71 -18.13 -8.89
C PRO A 245 4.63 -16.87 -8.03
N TYR A 246 3.67 -16.00 -8.32
CA TYR A 246 3.63 -14.77 -7.55
C TYR A 246 3.07 -14.99 -6.15
N ILE A 247 2.19 -15.98 -5.98
CA ILE A 247 1.75 -16.13 -4.61
C ILE A 247 2.98 -16.49 -3.78
N VAL A 248 3.79 -17.47 -4.33
CA VAL A 248 4.91 -17.97 -3.58
C VAL A 248 5.83 -16.78 -3.32
N GLY A 249 6.04 -15.91 -4.32
CA GLY A 249 6.91 -14.76 -4.17
C GLY A 249 6.41 -13.70 -3.18
N MET A 250 5.14 -13.29 -3.30
CA MET A 250 4.58 -12.29 -2.40
C MET A 250 4.68 -12.78 -0.96
N GLY A 251 4.51 -14.09 -0.80
CA GLY A 251 4.80 -14.74 0.47
C GLY A 251 6.21 -14.46 0.99
N GLU A 252 7.24 -14.90 0.25
CA GLU A 252 8.60 -14.62 0.61
C GLU A 252 8.77 -13.12 0.85
N ALA A 253 8.17 -12.35 -0.05
CA ALA A 253 8.45 -10.93 -0.08
C ALA A 253 7.94 -10.29 1.21
N MET A 254 6.72 -10.65 1.63
CA MET A 254 6.15 -10.19 2.89
C MET A 254 7.04 -10.58 4.08
N LYS A 255 7.46 -11.86 4.09
CA LYS A 255 8.27 -12.36 5.19
C LYS A 255 9.49 -11.46 5.34
N LEU A 256 10.21 -11.29 4.21
CA LEU A 256 11.40 -10.49 4.21
C LEU A 256 11.05 -9.06 4.57
N ALA A 257 9.86 -8.58 4.18
CA ALA A 257 9.57 -7.16 4.35
C ALA A 257 9.56 -6.78 5.82
N VAL A 258 8.86 -7.63 6.60
CA VAL A 258 8.65 -7.54 8.05
C VAL A 258 9.97 -7.81 8.76
N GLU A 259 10.76 -8.76 8.26
CA GLU A 259 11.99 -9.11 8.92
C GLU A 259 12.92 -7.91 8.84
N HIS A 260 12.67 -7.01 7.89
CA HIS A 260 13.56 -5.88 7.81
C HIS A 260 12.91 -4.65 8.42
N LEU A 261 11.93 -4.85 9.32
CA LEU A 261 11.21 -3.67 9.79
C LEU A 261 12.14 -2.81 10.63
N ASP A 262 12.98 -3.47 11.45
CA ASP A 262 13.98 -2.81 12.27
C ASP A 262 14.86 -2.01 11.32
N TYR A 263 15.50 -2.76 10.41
CA TYR A 263 16.38 -2.21 9.39
C TYR A 263 15.77 -0.97 8.73
N GLU A 264 14.49 -1.04 8.36
CA GLU A 264 13.87 0.01 7.57
C GLU A 264 13.82 1.30 8.37
N LYS A 265 13.41 1.18 9.64
CA LYS A 265 13.25 2.32 10.50
C LYS A 265 14.58 2.91 10.92
N GLU A 266 15.62 2.06 11.08
CA GLU A 266 16.93 2.39 11.65
C GLU A 266 17.86 2.97 10.60
N VAL A 267 17.95 2.29 9.45
CA VAL A 267 19.02 2.47 8.50
C VAL A 267 18.45 3.30 7.37
N VAL A 268 17.37 2.78 6.80
CA VAL A 268 16.69 3.44 5.69
C VAL A 268 16.12 4.77 6.16
N GLY A 269 15.42 4.76 7.32
CA GLY A 269 14.91 5.98 7.90
C GLY A 269 16.05 7.00 8.08
N LYS A 270 17.24 6.52 8.48
CA LYS A 270 18.41 7.36 8.74
C LYS A 270 18.91 7.96 7.41
N LEU A 271 18.88 7.14 6.35
CA LEU A 271 19.33 7.54 5.01
C LEU A 271 18.40 8.64 4.51
N ARG A 272 17.10 8.51 4.85
CA ARG A 272 16.08 9.43 4.37
C ARG A 272 16.20 10.72 5.16
N ASP A 273 16.56 10.56 6.44
CA ASP A 273 16.87 11.72 7.26
C ASP A 273 18.12 12.45 6.74
N LYS A 274 19.18 11.69 6.42
CA LYS A 274 20.41 12.22 5.84
C LYS A 274 20.14 13.01 4.56
N LEU A 275 19.35 12.43 3.64
CA LEU A 275 19.06 13.08 2.37
C LEU A 275 18.25 14.33 2.65
N GLU A 276 17.12 14.11 3.32
CA GLU A 276 16.18 15.14 3.72
C GLU A 276 16.86 16.36 4.35
N GLU A 277 17.62 16.16 5.44
CA GLU A 277 18.28 17.23 6.20
C GLU A 277 19.38 17.88 5.37
N ALA A 278 20.11 17.09 4.58
CA ALA A 278 21.10 17.64 3.66
C ALA A 278 20.46 18.56 2.60
N LEU A 279 19.32 18.16 2.04
CA LEU A 279 18.70 18.82 0.89
C LEU A 279 18.05 20.13 1.31
N LEU A 280 17.51 20.17 2.54
CA LEU A 280 16.73 21.31 2.97
C LEU A 280 17.64 22.46 3.42
N LYS A 281 18.96 22.20 3.44
CA LYS A 281 19.97 23.23 3.64
C LYS A 281 20.35 23.86 2.31
N ILE A 282 19.48 23.81 1.30
CA ILE A 282 19.63 24.65 0.13
C ILE A 282 18.44 25.61 0.06
N PRO A 283 18.60 26.86 -0.41
CA PRO A 283 17.53 27.88 -0.27
C PRO A 283 16.14 27.50 -0.79
N ASP A 284 15.12 27.94 -0.03
CA ASP A 284 13.68 27.78 -0.27
C ASP A 284 13.30 26.38 -0.74
N VAL A 285 13.82 25.34 -0.04
CA VAL A 285 13.42 23.95 -0.25
C VAL A 285 12.94 23.32 1.07
N MET A 286 11.61 23.22 1.20
CA MET A 286 10.96 22.79 2.44
C MET A 286 10.09 21.54 2.19
N VAL A 287 10.07 20.66 3.20
CA VAL A 287 9.45 19.35 3.16
C VAL A 287 7.93 19.50 3.26
N VAL A 288 7.17 18.68 2.51
CA VAL A 288 5.71 18.76 2.55
C VAL A 288 5.16 17.76 3.57
N GLY A 289 4.41 18.29 4.55
CA GLY A 289 3.75 17.50 5.57
C GLY A 289 4.56 17.35 6.85
N ASP A 290 3.89 16.85 7.89
CA ASP A 290 4.50 16.41 9.14
C ASP A 290 5.71 15.52 8.84
N ARG A 291 6.66 15.50 9.77
CA ARG A 291 7.89 14.77 9.55
C ARG A 291 8.00 13.65 10.59
N ILE A 292 7.03 13.59 11.49
CA ILE A 292 7.20 12.73 12.66
C ILE A 292 6.39 11.46 12.42
N HIS A 293 5.13 11.61 11.93
CA HIS A 293 4.32 10.44 11.60
C HIS A 293 4.38 10.18 10.10
N ARG A 294 5.56 9.70 9.69
CA ARG A 294 5.86 9.24 8.35
C ARG A 294 6.48 7.86 8.43
N VAL A 295 6.25 7.07 7.38
CA VAL A 295 7.05 5.87 7.18
C VAL A 295 8.52 6.27 7.01
N PRO A 296 9.45 5.33 7.25
CA PRO A 296 10.88 5.64 7.22
C PRO A 296 11.43 6.15 5.89
N ASN A 297 10.82 5.76 4.74
CA ASN A 297 11.57 5.72 3.47
C ASN A 297 11.27 6.90 2.53
N THR A 298 10.24 7.68 2.86
CA THR A 298 9.74 8.70 1.95
C THR A 298 10.09 10.08 2.47
N THR A 299 10.56 10.94 1.56
CA THR A 299 10.57 12.38 1.79
C THR A 299 9.91 13.09 0.61
N LEU A 300 9.13 14.15 0.87
CA LEU A 300 8.51 14.88 -0.23
C LEU A 300 8.91 16.35 -0.13
N VAL A 301 9.83 16.75 -1.04
CA VAL A 301 10.47 18.06 -1.01
C VAL A 301 10.03 18.91 -2.19
N SER A 302 10.07 20.22 -1.94
CA SER A 302 9.57 21.24 -2.84
C SER A 302 10.66 22.30 -3.11
N VAL A 303 11.00 22.50 -4.38
CA VAL A 303 12.03 23.47 -4.72
C VAL A 303 11.36 24.70 -5.33
N ARG A 304 11.16 25.74 -4.51
CA ARG A 304 10.21 26.78 -4.86
C ARG A 304 10.83 27.59 -6.00
N GLY A 305 10.04 27.77 -7.06
CA GLY A 305 10.56 28.44 -8.24
C GLY A 305 10.76 27.52 -9.44
N ILE A 306 11.26 26.29 -9.19
CA ILE A 306 11.31 25.29 -10.26
C ILE A 306 10.29 24.18 -10.00
N GLU A 307 9.27 24.02 -10.85
CA GLU A 307 8.35 22.90 -10.67
C GLU A 307 9.08 21.57 -10.79
N GLY A 308 8.52 20.57 -10.12
CA GLY A 308 9.22 19.33 -9.86
C GLY A 308 9.49 18.55 -11.13
N GLU A 309 8.52 18.60 -12.06
CA GLU A 309 8.64 17.91 -13.33
C GLU A 309 10.03 18.15 -13.92
N ALA A 310 10.62 19.32 -13.65
CA ALA A 310 11.89 19.77 -14.22
C ALA A 310 13.07 19.15 -13.47
N MET A 311 12.95 19.05 -12.15
CA MET A 311 13.97 18.45 -11.31
C MET A 311 14.19 16.98 -11.71
N LEU A 312 13.07 16.31 -12.05
CA LEU A 312 13.01 14.88 -12.34
C LEU A 312 13.77 14.59 -13.63
N TRP A 313 13.47 15.42 -14.65
CA TRP A 313 14.07 15.27 -15.98
C TRP A 313 15.59 15.37 -15.86
N ASP A 314 16.02 16.41 -15.13
CA ASP A 314 17.44 16.68 -14.99
C ASP A 314 18.07 15.50 -14.26
N LEU A 315 17.42 15.10 -13.15
CA LEU A 315 17.92 14.08 -12.24
C LEU A 315 18.09 12.74 -12.95
N ASN A 316 17.17 12.46 -13.87
CA ASN A 316 17.13 11.28 -14.73
C ASN A 316 18.33 11.20 -15.66
N ARG A 317 18.74 12.37 -16.19
CA ARG A 317 19.90 12.48 -17.05
C ARG A 317 21.14 12.10 -16.26
N SER A 318 21.13 12.36 -14.94
CA SER A 318 22.23 11.89 -14.13
C SER A 318 21.95 10.55 -13.45
N ASN A 319 21.02 9.73 -13.98
CA ASN A 319 20.78 8.36 -13.52
C ASN A 319 20.18 8.27 -12.10
N ILE A 320 19.28 9.19 -11.78
CA ILE A 320 18.67 9.16 -10.46
C ILE A 320 17.17 9.22 -10.70
N ALA A 321 16.49 8.12 -10.35
CA ALA A 321 15.05 8.05 -10.58
C ALA A 321 14.28 8.50 -9.33
N ALA A 322 13.38 9.48 -9.52
CA ALA A 322 12.44 10.04 -8.52
C ALA A 322 11.09 10.35 -9.20
N SER A 323 10.07 10.76 -8.40
CA SER A 323 8.69 10.89 -8.86
C SER A 323 8.08 12.22 -8.40
N THR A 324 6.87 12.52 -8.91
CA THR A 324 6.12 13.72 -8.59
C THR A 324 5.23 13.54 -7.36
N GLY A 325 4.89 14.67 -6.69
CA GLY A 325 3.99 14.80 -5.55
C GLY A 325 2.75 15.64 -5.87
N SER A 326 2.16 16.35 -4.89
CA SER A 326 1.07 17.27 -5.24
C SER A 326 1.20 18.70 -4.66
N ALA A 327 1.42 18.85 -3.34
CA ALA A 327 1.68 20.16 -2.73
C ALA A 327 0.50 21.10 -2.98
N THR A 351 3.81 21.13 -8.02
CA THR A 351 4.21 19.72 -7.72
C THR A 351 5.61 19.68 -7.08
N ALA A 352 5.79 18.75 -6.12
CA ALA A 352 7.02 18.59 -5.35
C ALA A 352 7.73 17.32 -5.77
N ILE A 353 8.83 16.96 -5.07
CA ILE A 353 9.72 15.86 -5.47
C ILE A 353 9.60 14.69 -4.48
N ARG A 354 9.22 13.50 -4.99
CA ARG A 354 9.05 12.33 -4.16
C ARG A 354 10.24 11.36 -4.29
N LEU A 355 11.16 11.50 -3.33
CA LEU A 355 12.24 10.56 -3.08
C LEU A 355 11.82 9.52 -2.05
N SER A 356 12.04 8.26 -2.42
CA SER A 356 11.48 7.14 -1.68
C SER A 356 12.54 6.05 -1.65
N LEU A 357 13.29 5.87 -0.54
CA LEU A 357 14.34 4.84 -0.49
C LEU A 357 13.77 3.45 -0.28
N SER A 358 14.68 2.48 -0.14
CA SER A 358 14.36 1.10 0.13
C SER A 358 15.56 0.46 0.80
N ARG A 359 15.43 -0.83 1.09
CA ARG A 359 16.50 -1.48 1.81
C ARG A 359 17.74 -1.54 0.93
N PHE A 360 17.61 -1.25 -0.37
CA PHE A 360 18.76 -1.45 -1.25
C PHE A 360 19.59 -0.20 -1.51
N ASN A 361 19.06 0.98 -1.18
CA ASN A 361 19.87 2.19 -1.20
C ASN A 361 21.01 2.11 -0.20
N THR A 362 22.07 2.89 -0.47
CA THR A 362 23.28 2.95 0.34
C THR A 362 23.61 4.41 0.62
N GLU A 363 24.46 4.62 1.63
CA GLU A 363 24.79 5.98 1.98
C GLU A 363 25.53 6.66 0.83
N ALA A 364 26.49 5.91 0.25
CA ALA A 364 27.11 6.27 -1.03
C ALA A 364 26.12 7.02 -1.92
N GLU A 365 24.97 6.35 -2.15
CA GLU A 365 23.97 6.74 -3.13
C GLU A 365 23.30 8.02 -2.65
N ILE A 366 23.12 8.11 -1.33
CA ILE A 366 22.42 9.27 -0.81
C ILE A 366 23.30 10.50 -1.01
N ASP A 367 24.55 10.37 -0.53
CA ASP A 367 25.52 11.46 -0.68
C ASP A 367 25.47 11.95 -2.12
N LYS A 368 25.63 10.97 -3.03
CA LYS A 368 25.71 11.30 -4.44
C LYS A 368 24.50 12.16 -4.81
N THR A 369 23.33 11.75 -4.31
CA THR A 369 22.09 12.37 -4.72
C THR A 369 22.03 13.80 -4.22
N ILE A 370 22.48 14.01 -2.98
CA ILE A 370 22.56 15.35 -2.41
C ILE A 370 23.36 16.25 -3.36
N GLU A 371 24.55 15.77 -3.76
CA GLU A 371 25.45 16.49 -4.66
C GLU A 371 24.73 16.83 -5.98
N VAL A 372 24.24 15.81 -6.67
CA VAL A 372 23.64 15.92 -7.98
C VAL A 372 22.38 16.78 -7.91
N PHE A 373 21.60 16.59 -6.84
CA PHE A 373 20.37 17.35 -6.64
C PHE A 373 20.69 18.83 -6.51
N SER A 374 21.69 19.16 -5.68
CA SER A 374 21.98 20.56 -5.39
C SER A 374 22.45 21.29 -6.66
N GLN A 375 23.36 20.64 -7.38
CA GLN A 375 23.90 21.17 -8.62
C GLN A 375 22.77 21.39 -9.61
N ALA A 376 21.84 20.42 -9.69
CA ALA A 376 20.73 20.50 -10.63
C ALA A 376 19.81 21.67 -10.30
N ALA A 377 19.63 21.90 -9.00
CA ALA A 377 18.88 23.01 -8.46
C ALA A 377 19.39 24.36 -8.97
N VAL A 378 20.66 24.68 -8.62
CA VAL A 378 21.31 25.95 -8.97
C VAL A 378 21.25 26.20 -10.49
N ARG A 379 21.57 25.19 -11.31
CA ARG A 379 21.48 25.38 -12.76
C ARG A 379 20.05 25.11 -13.23
C1 IPA B . -7.76 -19.32 0.98
C2 IPA B . -7.38 -18.59 2.24
C3 IPA B . -5.91 -18.48 2.45
O2 IPA B . -7.94 -17.25 2.32
CL CL C . -19.30 -6.57 -7.84
OAM 9YX D . -0.58 -2.46 -7.86
PAL 9YX D . -1.39 -1.22 -7.76
OAO 9YX D . -2.92 -1.80 -8.02
OAN 9YX D . -0.96 -0.27 -8.80
OAK 9YX D . -1.43 -0.69 -6.29
CAJ 9YX D . -2.22 0.57 -6.32
CAA 9YX D . -2.05 1.36 -5.16
CAB 9YX D . -3.04 1.25 -4.18
NAC 9YX D . -3.02 1.97 -2.96
CAD 9YX D . -2.00 2.79 -2.72
CAG 9YX D . -2.00 3.49 -1.51
CAE 9YX D . -0.99 2.91 -3.68
OAH 9YX D . 0.03 3.76 -3.40
CAF 9YX D . -0.98 2.23 -4.90
CAI 9YX D . 0.05 2.45 -5.86
N 9YX D . 0.64 3.78 -5.60
SAS 9YX D . 1.61 1.64 -6.09
CB 9YX D . 2.17 2.84 -7.27
CA 9YX D . 1.38 4.09 -6.84
C 9YX D . 2.29 5.32 -6.74
OXT 9YX D . 2.54 5.84 -5.63
O 9YX D . 2.66 5.76 -7.84
#